data_7ATW
#
_entry.id   7ATW
#
_cell.length_a   69.301
_cell.length_b   82.240
_cell.length_c   88.521
_cell.angle_alpha   90.000
_cell.angle_beta   90.000
_cell.angle_gamma   90.000
#
_symmetry.space_group_name_H-M   'P 21 21 21'
#
loop_
_entity.id
_entity.type
_entity.pdbx_description
1 polymer 'Peptidoglycan D,D-transpeptidase FtsI'
2 non-polymer GLYCEROL
3 non-polymer '1-Hydroxy-1,3-dihydro-2,1-benzoxaborole-6-carboxylic acid'
4 water water
#
_entity_poly.entity_id   1
_entity_poly.type   'polypeptide(L)'
_entity_poly.pdbx_seq_one_letter_code
;GPGYQDPARSVRHIAIPAHRGLITDRNGEPLAVSTPVTTLWANPKELMTAKERWPQLAAALGQDTKLFADRIEQNAEREF
IYLVRGLTPEQGEGVIALKVPGVYSIEEFRRFYPAGEVVAHAVGFTDVDDRGREGIELAFDEWLAGVPGKRQVLKDRRGR
VIKDVQVTKNAKPGKTLALSIDLRLQYLAHRELRNALLENGAKAGSLVIMDVKTGEILAMTNQPTYNPNNRRNLQPAAMR
NRAMIDVFEPGSTVKPFSMSAALASGRWKPSDIVDVYPGTLQIGRYTIRDVSRNSRQLDLTGILIKSSNVGISKIAFDIG
AESIYSVMQQVGLGQDTGLGFPGERVGNLPNHRKWPKAETATLAYGYGLSVTAIQLAHAYAALANDGKSVPLSMTRVDRV
PDGVQVISPEVASTVQGMLQQVVEAQGGVFRAQVPGYHAAGKSGTARKVSVGTKGYRENAYRSLFAGFAPATDPRIAMVV
VIDEPSKAGYFGGLVSAPVFSKVMAGALRLMNVPPDNLPTATEQQQVNAAPAKGGRG
;
_entity_poly.pdbx_strand_id   A
#
loop_
_chem_comp.id
_chem_comp.type
_chem_comp.name
_chem_comp.formula
GOL non-polymer GLYCEROL 'C3 H8 O3'
RZZ non-polymer '1-Hydroxy-1,3-dihydro-2,1-benzoxaborole-6-carboxylic acid' 'C8 H7 B O4'
#
# COMPACT_ATOMS: atom_id res chain seq x y z
N ASP A 6 -32.27 12.73 43.61
CA ASP A 6 -32.14 12.80 42.11
C ASP A 6 -33.53 12.81 41.45
N PRO A 7 -33.71 13.60 40.35
CA PRO A 7 -35.02 13.77 39.72
C PRO A 7 -35.72 12.47 39.26
N ALA A 8 -37.07 12.47 39.28
CA ALA A 8 -37.91 11.30 38.89
C ALA A 8 -37.78 11.01 37.40
N ARG A 9 -37.48 12.03 36.60
CA ARG A 9 -37.36 11.95 35.13
C ARG A 9 -36.10 12.67 34.70
N SER A 10 -35.50 12.23 33.60
CA SER A 10 -34.41 12.99 32.92
C SER A 10 -34.42 12.66 31.42
N VAL A 11 -34.31 13.69 30.55
CA VAL A 11 -34.17 13.49 29.07
C VAL A 11 -32.68 13.28 28.76
N ARG A 12 -32.33 12.11 28.22
CA ARG A 12 -30.95 11.66 27.91
C ARG A 12 -30.85 11.47 26.39
N HIS A 13 -29.65 11.42 25.84
CA HIS A 13 -29.40 11.20 24.38
C HIS A 13 -28.60 9.91 24.18
N ILE A 14 -28.94 9.16 23.13
CA ILE A 14 -28.18 7.95 22.67
C ILE A 14 -27.80 8.15 21.19
N ALA A 15 -26.57 7.76 20.82
CA ALA A 15 -26.04 7.91 19.45
C ALA A 15 -26.64 6.82 18.56
N ILE A 16 -26.86 7.16 17.30
CA ILE A 16 -27.40 6.23 16.29
C ILE A 16 -26.27 5.96 15.31
N PRO A 17 -25.54 4.83 15.45
CA PRO A 17 -24.48 4.52 14.51
C PRO A 17 -24.93 4.63 13.04
N ALA A 18 -24.03 5.11 12.19
CA ALA A 18 -24.29 5.31 10.76
C ALA A 18 -23.68 4.15 9.93
N HIS A 19 -24.33 3.82 8.82
CA HIS A 19 -23.89 2.77 7.85
C HIS A 19 -22.63 3.25 7.13
N ARG A 20 -21.52 2.56 7.34
CA ARG A 20 -20.22 2.91 6.73
C ARG A 20 -20.26 2.67 5.23
N GLY A 21 -19.62 3.56 4.44
CA GLY A 21 -19.59 3.51 2.98
C GLY A 21 -18.95 2.25 2.43
N LEU A 22 -19.55 1.67 1.38
CA LEU A 22 -19.01 0.53 0.64
C LEU A 22 -17.67 0.92 -0.02
N ILE A 23 -16.65 0.09 0.15
CA ILE A 23 -15.41 0.20 -0.65
C ILE A 23 -15.53 -0.79 -1.75
N THR A 24 -15.25 -0.37 -2.99
CA THR A 24 -15.21 -1.28 -4.15
C THR A 24 -13.86 -1.16 -4.87
N ASP A 25 -13.59 -2.14 -5.70
CA ASP A 25 -12.46 -2.01 -6.67
C ASP A 25 -12.93 -1.12 -7.82
N ARG A 26 -12.02 -0.92 -8.76
CA ARG A 26 -12.29 0.11 -9.78
C ARG A 26 -13.46 -0.28 -10.67
N ASN A 27 -13.82 -1.59 -10.70
CA ASN A 27 -14.90 -2.19 -11.54
C ASN A 27 -16.16 -2.41 -10.69
N GLY A 28 -16.19 -1.90 -9.48
CA GLY A 28 -17.40 -2.05 -8.62
C GLY A 28 -17.46 -3.33 -7.80
N GLU A 29 -16.41 -4.12 -7.76
CA GLU A 29 -16.38 -5.38 -6.95
C GLU A 29 -16.26 -4.98 -5.50
N PRO A 30 -17.16 -5.45 -4.61
CA PRO A 30 -17.03 -5.07 -3.22
C PRO A 30 -15.76 -5.58 -2.52
N LEU A 31 -15.13 -4.70 -1.74
CA LEU A 31 -13.91 -4.98 -0.96
C LEU A 31 -14.17 -4.80 0.53
N ALA A 32 -15.08 -3.89 0.91
CA ALA A 32 -15.40 -3.67 2.35
C ALA A 32 -16.85 -3.32 2.41
N VAL A 33 -17.63 -4.09 3.19
CA VAL A 33 -19.10 -3.96 3.18
CA VAL A 33 -19.11 -3.95 3.18
C VAL A 33 -19.57 -3.96 4.64
N SER A 34 -20.37 -2.98 5.00
CA SER A 34 -20.98 -2.86 6.35
C SER A 34 -22.06 -3.93 6.52
N THR A 35 -22.01 -4.75 7.57
CA THR A 35 -22.93 -5.87 7.84
C THR A 35 -23.66 -5.50 9.14
N PRO A 36 -25.01 -5.52 9.17
CA PRO A 36 -25.75 -5.26 10.41
C PRO A 36 -25.40 -6.23 11.53
N VAL A 37 -25.15 -5.67 12.71
CA VAL A 37 -24.97 -6.50 13.93
C VAL A 37 -25.80 -5.87 15.04
N THR A 38 -25.99 -6.65 16.10
CA THR A 38 -26.77 -6.19 17.27
C THR A 38 -25.84 -6.18 18.48
N THR A 39 -25.75 -5.02 19.14
CA THR A 39 -25.06 -4.83 20.44
C THR A 39 -26.11 -4.83 21.56
N LEU A 40 -25.73 -5.40 22.69
CA LEU A 40 -26.68 -5.44 23.84
C LEU A 40 -26.05 -4.68 25.00
N TRP A 41 -26.84 -3.79 25.61
CA TRP A 41 -26.38 -3.01 26.77
C TRP A 41 -27.35 -3.29 27.91
N ALA A 42 -26.95 -3.07 29.15
CA ALA A 42 -27.86 -3.32 30.29
C ALA A 42 -27.82 -2.16 31.27
N ASN A 43 -28.91 -1.97 31.99
CA ASN A 43 -28.98 -1.18 33.24
C ASN A 43 -28.83 -2.19 34.37
N PRO A 44 -27.64 -2.29 35.02
CA PRO A 44 -27.45 -3.23 36.13
C PRO A 44 -28.47 -3.08 37.27
N LYS A 45 -28.93 -1.86 37.55
CA LYS A 45 -29.96 -1.61 38.61
C LYS A 45 -31.21 -2.45 38.25
N GLU A 46 -31.60 -2.53 36.97
CA GLU A 46 -32.75 -3.38 36.54
C GLU A 46 -32.38 -4.86 36.53
N LEU A 47 -31.20 -5.21 36.02
CA LEU A 47 -30.80 -6.64 35.87
C LEU A 47 -30.79 -7.33 37.23
N MET A 48 -30.37 -6.60 38.28
CA MET A 48 -30.26 -7.10 39.67
C MET A 48 -31.64 -7.60 40.17
N THR A 49 -32.73 -7.23 39.52
CA THR A 49 -34.12 -7.64 39.93
C THR A 49 -34.53 -8.94 39.23
N ALA A 50 -33.67 -9.56 38.41
CA ALA A 50 -34.03 -10.71 37.55
C ALA A 50 -32.93 -11.79 37.58
N LYS A 51 -32.35 -12.02 38.75
CA LYS A 51 -31.20 -12.94 38.92
C LYS A 51 -31.50 -14.35 38.38
N GLU A 52 -32.70 -14.93 38.55
CA GLU A 52 -32.88 -16.35 38.11
C GLU A 52 -32.72 -16.41 36.60
N ARG A 53 -32.77 -15.28 35.86
CA ARG A 53 -32.68 -15.25 34.36
C ARG A 53 -31.20 -15.22 33.91
N TRP A 54 -30.27 -14.95 34.82
CA TRP A 54 -28.88 -14.61 34.43
C TRP A 54 -28.25 -15.82 33.73
N PRO A 55 -28.31 -17.05 34.25
CA PRO A 55 -27.64 -18.14 33.52
C PRO A 55 -28.12 -18.34 32.08
N GLN A 56 -29.41 -18.18 31.81
CA GLN A 56 -29.92 -18.33 30.42
C GLN A 56 -29.34 -17.19 29.58
N LEU A 57 -29.37 -15.97 30.11
CA LEU A 57 -28.85 -14.78 29.40
C LEU A 57 -27.37 -15.02 29.12
N ALA A 58 -26.60 -15.40 30.13
CA ALA A 58 -25.14 -15.59 29.96
C ALA A 58 -24.90 -16.59 28.81
N ALA A 59 -25.63 -17.72 28.80
CA ALA A 59 -25.50 -18.81 27.80
C ALA A 59 -25.75 -18.25 26.40
N ALA A 60 -26.83 -17.51 26.24
CA ALA A 60 -27.19 -16.85 24.96
C ALA A 60 -26.08 -15.88 24.55
N LEU A 61 -25.32 -15.32 25.49
CA LEU A 61 -24.23 -14.35 25.14
C LEU A 61 -22.89 -15.08 24.95
N GLY A 62 -22.85 -16.38 25.21
CA GLY A 62 -21.59 -17.14 25.18
C GLY A 62 -20.68 -16.74 26.32
N GLN A 63 -21.20 -16.25 27.45
CA GLN A 63 -20.39 -15.84 28.62
C GLN A 63 -20.52 -16.87 29.73
N ASP A 64 -19.48 -17.02 30.53
CA ASP A 64 -19.49 -17.96 31.69
C ASP A 64 -20.51 -17.49 32.73
N THR A 65 -21.25 -18.42 33.33
CA THR A 65 -22.33 -18.08 34.28
C THR A 65 -21.80 -17.21 35.45
N LYS A 66 -20.77 -17.67 36.18
CA LYS A 66 -20.28 -16.93 37.36
C LYS A 66 -19.53 -15.66 36.96
N LEU A 67 -18.82 -15.64 35.82
CA LEU A 67 -18.11 -14.39 35.40
C LEU A 67 -19.15 -13.33 35.04
N PHE A 68 -20.25 -13.75 34.39
CA PHE A 68 -21.37 -12.88 34.01
C PHE A 68 -21.96 -12.31 35.32
N ALA A 69 -22.32 -13.14 36.27
CA ALA A 69 -22.92 -12.69 37.56
C ALA A 69 -21.98 -11.69 38.25
N ASP A 70 -20.71 -12.06 38.38
CA ASP A 70 -19.66 -11.21 39.04
C ASP A 70 -19.63 -9.85 38.36
N ARG A 71 -19.72 -9.83 37.03
CA ARG A 71 -19.67 -8.58 36.23
CA ARG A 71 -19.63 -8.55 36.28
C ARG A 71 -20.89 -7.72 36.57
N ILE A 72 -22.07 -8.33 36.63
CA ILE A 72 -23.28 -7.53 36.94
C ILE A 72 -23.17 -7.06 38.40
N GLU A 73 -22.85 -7.97 39.33
CA GLU A 73 -22.84 -7.61 40.76
C GLU A 73 -21.89 -6.43 40.96
N GLN A 74 -20.69 -6.48 40.41
CA GLN A 74 -19.66 -5.47 40.71
C GLN A 74 -19.98 -4.17 39.95
N ASN A 75 -20.99 -4.16 39.07
CA ASN A 75 -21.43 -2.92 38.37
C ASN A 75 -22.84 -2.53 38.81
N ALA A 76 -23.35 -3.07 39.93
CA ALA A 76 -24.73 -2.89 40.44
C ALA A 76 -25.05 -1.39 40.59
N GLU A 77 -24.02 -0.57 40.85
CA GLU A 77 -24.12 0.89 41.15
C GLU A 77 -24.34 1.67 39.84
N ARG A 78 -23.96 1.11 38.69
CA ARG A 78 -23.97 1.79 37.37
C ARG A 78 -25.34 1.62 36.68
N GLU A 79 -25.67 2.51 35.74
CA GLU A 79 -26.96 2.54 34.98
C GLU A 79 -26.75 2.10 33.53
N PHE A 80 -25.49 1.97 33.11
CA PHE A 80 -25.09 1.51 31.75
C PHE A 80 -23.84 0.65 31.85
N ILE A 81 -23.87 -0.50 31.17
CA ILE A 81 -22.68 -1.31 30.77
C ILE A 81 -23.01 -2.02 29.46
N TYR A 82 -21.99 -2.33 28.69
CA TYR A 82 -22.14 -3.21 27.50
C TYR A 82 -22.22 -4.63 28.00
N LEU A 83 -23.13 -5.40 27.41
CA LEU A 83 -23.18 -6.86 27.64
C LEU A 83 -22.34 -7.55 26.59
N VAL A 84 -22.51 -7.16 25.33
CA VAL A 84 -21.81 -7.84 24.19
C VAL A 84 -21.93 -6.95 22.96
N ARG A 85 -20.90 -6.87 22.14
CA ARG A 85 -20.93 -6.04 20.90
C ARG A 85 -20.97 -6.96 19.69
N GLY A 86 -21.83 -6.65 18.72
CA GLY A 86 -21.72 -7.19 17.36
C GLY A 86 -22.16 -8.65 17.24
N LEU A 87 -23.28 -9.04 17.86
CA LEU A 87 -23.99 -10.33 17.56
C LEU A 87 -24.62 -10.25 16.16
N THR A 88 -24.93 -11.42 15.59
CA THR A 88 -25.81 -11.48 14.39
C THR A 88 -27.18 -10.94 14.78
N PRO A 89 -27.95 -10.38 13.83
CA PRO A 89 -29.30 -9.88 14.09
C PRO A 89 -30.25 -11.00 14.61
N GLU A 90 -30.11 -12.22 14.06
CA GLU A 90 -30.81 -13.46 14.55
C GLU A 90 -30.50 -13.69 16.04
N GLN A 91 -29.24 -13.59 16.44
CA GLN A 91 -28.82 -13.86 17.84
C GLN A 91 -29.36 -12.78 18.77
N GLY A 92 -29.15 -11.50 18.40
CA GLY A 92 -29.71 -10.32 19.08
C GLY A 92 -31.22 -10.42 19.29
N GLU A 93 -31.99 -10.84 18.28
CA GLU A 93 -33.46 -11.03 18.44
C GLU A 93 -33.73 -12.20 19.39
N GLY A 94 -32.84 -13.20 19.46
CA GLY A 94 -33.01 -14.33 20.42
C GLY A 94 -32.92 -13.85 21.88
N VAL A 95 -31.95 -12.99 22.19
CA VAL A 95 -31.69 -12.46 23.56
C VAL A 95 -32.81 -11.47 23.93
N ILE A 96 -33.21 -10.60 23.02
CA ILE A 96 -34.29 -9.61 23.26
C ILE A 96 -35.58 -10.37 23.56
N ALA A 97 -35.75 -11.54 22.92
CA ALA A 97 -36.93 -12.41 23.05
C ALA A 97 -36.99 -13.05 24.45
N LEU A 98 -35.94 -13.01 25.27
CA LEU A 98 -35.96 -13.49 26.68
C LEU A 98 -36.61 -12.47 27.61
N LYS A 99 -36.75 -11.22 27.19
CA LYS A 99 -37.41 -10.11 27.96
C LYS A 99 -36.81 -10.03 29.37
N VAL A 100 -35.49 -10.20 29.46
CA VAL A 100 -34.81 -9.98 30.76
C VAL A 100 -34.87 -8.47 31.04
N PRO A 101 -35.39 -8.05 32.20
CA PRO A 101 -35.38 -6.64 32.58
C PRO A 101 -33.97 -6.08 32.55
N GLY A 102 -33.84 -4.86 32.02
CA GLY A 102 -32.61 -4.05 32.08
C GLY A 102 -31.72 -4.31 30.88
N VAL A 103 -32.18 -5.11 29.91
CA VAL A 103 -31.37 -5.50 28.71
C VAL A 103 -31.93 -4.77 27.49
N TYR A 104 -31.09 -4.00 26.78
CA TYR A 104 -31.56 -3.21 25.63
C TYR A 104 -30.59 -3.52 24.47
N SER A 105 -30.97 -3.15 23.24
CA SER A 105 -30.22 -3.42 21.99
C SER A 105 -29.90 -2.12 21.24
N ILE A 106 -28.76 -2.06 20.57
CA ILE A 106 -28.42 -0.96 19.63
C ILE A 106 -28.10 -1.64 18.29
N GLU A 107 -28.78 -1.23 17.22
CA GLU A 107 -28.35 -1.71 15.87
C GLU A 107 -27.00 -1.07 15.53
N GLU A 108 -25.96 -1.88 15.26
CA GLU A 108 -24.63 -1.40 14.77
C GLU A 108 -24.26 -2.05 13.43
N PHE A 109 -23.07 -1.73 12.90
CA PHE A 109 -22.53 -2.35 11.66
C PHE A 109 -21.10 -2.83 11.91
N ARG A 110 -20.76 -3.99 11.36
CA ARG A 110 -19.36 -4.48 11.38
C ARG A 110 -18.98 -4.73 9.91
N ARG A 111 -17.70 -4.59 9.63
CA ARG A 111 -17.21 -4.77 8.24
C ARG A 111 -17.03 -6.24 7.93
N PHE A 112 -17.30 -6.59 6.67
CA PHE A 112 -16.90 -7.85 6.03
C PHE A 112 -16.04 -7.47 4.79
N TYR A 113 -14.97 -8.23 4.63
CA TYR A 113 -13.92 -8.03 3.57
C TYR A 113 -13.99 -9.20 2.60
N PRO A 114 -14.79 -9.11 1.51
CA PRO A 114 -15.01 -10.27 0.66
C PRO A 114 -13.77 -10.91 0.06
N ALA A 115 -12.73 -10.10 -0.20
CA ALA A 115 -11.49 -10.63 -0.79
C ALA A 115 -10.41 -10.96 0.26
N GLY A 116 -10.69 -10.76 1.54
CA GLY A 116 -9.83 -11.22 2.62
C GLY A 116 -8.39 -10.80 2.46
N GLU A 117 -7.49 -11.79 2.58
CA GLU A 117 -6.05 -11.59 2.65
C GLU A 117 -5.55 -11.01 1.32
N VAL A 118 -6.28 -11.16 0.23
CA VAL A 118 -5.78 -10.77 -1.11
C VAL A 118 -5.48 -9.27 -1.15
N VAL A 119 -6.29 -8.45 -0.51
CA VAL A 119 -6.19 -6.99 -0.58
C VAL A 119 -6.10 -6.40 0.84
N ALA A 120 -5.58 -7.16 1.80
CA ALA A 120 -5.64 -6.84 3.23
C ALA A 120 -4.99 -5.48 3.50
N HIS A 121 -3.79 -5.24 2.98
CA HIS A 121 -3.03 -4.04 3.35
C HIS A 121 -3.62 -2.80 2.68
N ALA A 122 -3.99 -2.91 1.40
CA ALA A 122 -4.54 -1.74 0.70
C ALA A 122 -5.87 -1.30 1.34
N VAL A 123 -6.79 -2.25 1.60
CA VAL A 123 -8.12 -1.87 2.12
C VAL A 123 -8.02 -1.56 3.63
N GLY A 124 -7.19 -2.30 4.38
CA GLY A 124 -7.11 -2.16 5.84
C GLY A 124 -8.33 -2.74 6.54
N PHE A 125 -8.61 -2.21 7.71
CA PHE A 125 -9.73 -2.72 8.51
C PHE A 125 -10.16 -1.65 9.51
N THR A 126 -11.27 -1.97 10.19
CA THR A 126 -11.90 -1.12 11.22
C THR A 126 -11.69 -1.76 12.60
N ASP A 127 -11.69 -0.93 13.62
CA ASP A 127 -11.59 -1.31 15.06
C ASP A 127 -13.00 -1.66 15.55
N VAL A 128 -13.11 -1.96 16.84
CA VAL A 128 -14.35 -2.41 17.54
C VAL A 128 -15.45 -1.38 17.38
N ASP A 129 -15.08 -0.11 17.27
CA ASP A 129 -16.00 1.06 17.14
C ASP A 129 -16.30 1.36 15.67
N ASP A 130 -15.92 0.48 14.75
CA ASP A 130 -16.19 0.65 13.30
C ASP A 130 -15.38 1.85 12.74
N ARG A 131 -14.27 2.25 13.38
CA ARG A 131 -13.38 3.37 12.91
C ARG A 131 -12.21 2.76 12.14
N GLY A 132 -11.80 3.43 11.05
CA GLY A 132 -10.68 2.92 10.23
C GLY A 132 -9.41 2.81 11.06
N ARG A 133 -8.72 1.67 10.96
CA ARG A 133 -7.49 1.45 11.78
C ARG A 133 -6.24 1.39 10.86
N GLU A 134 -6.41 0.93 9.64
CA GLU A 134 -5.31 0.67 8.67
C GLU A 134 -5.83 0.91 7.25
N GLY A 135 -4.89 1.12 6.32
CA GLY A 135 -5.21 1.15 4.90
C GLY A 135 -6.18 2.23 4.51
N ILE A 136 -6.95 1.98 3.44
CA ILE A 136 -7.96 2.95 2.95
C ILE A 136 -8.97 3.22 4.04
N GLU A 137 -9.33 2.21 4.83
CA GLU A 137 -10.34 2.38 5.93
C GLU A 137 -9.96 3.58 6.80
N LEU A 138 -8.67 3.73 7.08
CA LEU A 138 -8.18 4.87 7.86
C LEU A 138 -8.03 6.13 6.96
N ALA A 139 -7.35 6.01 5.81
CA ALA A 139 -7.04 7.17 4.96
C ALA A 139 -8.31 7.89 4.52
N PHE A 140 -9.41 7.16 4.30
CA PHE A 140 -10.71 7.75 3.86
C PHE A 140 -11.78 7.60 4.95
N ASP A 141 -11.33 7.55 6.18
CA ASP A 141 -12.25 7.35 7.32
C ASP A 141 -13.41 8.36 7.29
N GLU A 142 -13.17 9.67 7.13
CA GLU A 142 -14.28 10.67 7.22
C GLU A 142 -15.28 10.44 6.09
N TRP A 143 -14.80 10.22 4.87
CA TRP A 143 -15.61 9.94 3.64
C TRP A 143 -16.53 8.73 3.93
N LEU A 144 -15.93 7.65 4.44
CA LEU A 144 -16.59 6.36 4.66
C LEU A 144 -17.51 6.38 5.91
N ALA A 145 -17.21 7.16 6.96
CA ALA A 145 -17.87 6.96 8.25
C ALA A 145 -19.24 7.62 8.31
N GLY A 146 -19.53 8.61 7.45
CA GLY A 146 -20.83 9.29 7.57
C GLY A 146 -20.94 9.96 8.93
N VAL A 147 -22.15 10.23 9.42
CA VAL A 147 -22.32 10.99 10.68
C VAL A 147 -23.32 10.27 11.60
N PRO A 148 -22.92 9.96 12.85
CA PRO A 148 -23.84 9.38 13.83
C PRO A 148 -25.04 10.30 14.04
N GLY A 149 -26.22 9.68 14.14
CA GLY A 149 -27.46 10.36 14.56
C GLY A 149 -27.56 10.48 16.08
N LYS A 150 -28.66 11.07 16.54
CA LYS A 150 -28.94 11.35 17.97
C LYS A 150 -30.40 11.02 18.26
N ARG A 151 -30.62 10.28 19.34
CA ARG A 151 -31.96 9.87 19.84
C ARG A 151 -32.16 10.52 21.21
N GLN A 152 -33.31 11.13 21.48
CA GLN A 152 -33.70 11.50 22.88
C GLN A 152 -34.42 10.30 23.51
N VAL A 153 -34.02 9.89 24.72
CA VAL A 153 -34.81 8.93 25.58
C VAL A 153 -35.17 9.63 26.90
N LEU A 154 -36.25 9.20 27.53
CA LEU A 154 -36.66 9.61 28.90
C LEU A 154 -36.25 8.48 29.86
N LYS A 155 -35.51 8.79 30.93
CA LYS A 155 -35.16 7.81 32.00
C LYS A 155 -35.69 8.26 33.36
N ASP A 156 -35.90 7.31 34.25
CA ASP A 156 -36.35 7.57 35.66
C ASP A 156 -35.09 7.61 36.55
N ARG A 157 -35.28 7.81 37.86
CA ARG A 157 -34.20 8.07 38.86
C ARG A 157 -33.18 6.91 38.85
N ARG A 158 -33.62 5.68 38.55
CA ARG A 158 -32.82 4.41 38.54
C ARG A 158 -32.18 4.12 37.17
N GLY A 159 -32.41 4.97 36.16
CA GLY A 159 -31.84 4.81 34.80
C GLY A 159 -32.64 3.91 33.86
N ARG A 160 -33.88 3.54 34.21
CA ARG A 160 -34.78 2.77 33.31
C ARG A 160 -35.17 3.68 32.13
N VAL A 161 -35.10 3.14 30.91
CA VAL A 161 -35.58 3.85 29.68
C VAL A 161 -37.12 3.72 29.67
N ILE A 162 -37.82 4.79 30.03
CA ILE A 162 -39.32 4.85 30.09
C ILE A 162 -39.85 4.81 28.65
N LYS A 163 -39.28 5.61 27.75
CA LYS A 163 -39.74 5.70 26.34
C LYS A 163 -38.66 6.36 25.48
N ASP A 164 -38.69 6.08 24.16
CA ASP A 164 -37.92 6.79 23.11
C ASP A 164 -38.75 8.00 22.66
N VAL A 165 -38.24 9.22 22.94
CA VAL A 165 -38.96 10.51 22.69
C VAL A 165 -38.92 10.81 21.20
N GLN A 166 -37.74 10.94 20.63
CA GLN A 166 -37.61 11.27 19.18
C GLN A 166 -36.15 11.16 18.76
N VAL A 167 -35.96 11.05 17.45
CA VAL A 167 -34.67 11.30 16.78
C VAL A 167 -34.55 12.82 16.73
N THR A 168 -33.46 13.41 17.25
CA THR A 168 -33.14 14.85 17.08
C THR A 168 -32.17 15.04 15.90
N LYS A 169 -31.41 13.99 15.53
CA LYS A 169 -30.41 13.95 14.43
C LYS A 169 -30.54 12.58 13.73
N ASN A 170 -31.03 12.53 12.49
CA ASN A 170 -30.98 11.31 11.64
C ASN A 170 -29.51 10.98 11.35
N ALA A 171 -29.09 9.72 11.41
CA ALA A 171 -27.74 9.34 10.94
C ALA A 171 -27.65 9.61 9.43
N LYS A 172 -26.48 10.04 8.98
CA LYS A 172 -26.13 10.21 7.55
C LYS A 172 -25.22 9.04 7.20
N PRO A 173 -25.61 8.15 6.24
CA PRO A 173 -24.74 7.03 5.85
C PRO A 173 -23.41 7.59 5.31
N GLY A 174 -22.30 6.84 5.43
CA GLY A 174 -21.05 7.21 4.71
C GLY A 174 -21.17 6.99 3.20
N LYS A 175 -20.18 7.43 2.47
CA LYS A 175 -20.20 7.48 0.97
C LYS A 175 -19.40 6.31 0.39
N THR A 176 -19.89 5.75 -0.74
CA THR A 176 -19.20 4.69 -1.53
C THR A 176 -17.83 5.19 -1.99
N LEU A 177 -16.82 4.35 -1.95
CA LEU A 177 -15.46 4.70 -2.47
C LEU A 177 -15.02 3.62 -3.44
N ALA A 178 -14.57 4.03 -4.65
CA ALA A 178 -14.05 3.11 -5.65
C ALA A 178 -12.53 3.30 -5.70
N LEU A 179 -11.81 2.26 -5.38
CA LEU A 179 -10.35 2.25 -5.40
C LEU A 179 -9.86 2.18 -6.85
N SER A 180 -8.59 2.52 -7.01
CA SER A 180 -7.86 2.33 -8.29
C SER A 180 -7.57 0.85 -8.54
N ILE A 181 -7.53 0.05 -7.45
CA ILE A 181 -7.16 -1.36 -7.52
C ILE A 181 -8.13 -2.08 -8.48
N ASP A 182 -7.58 -2.95 -9.32
CA ASP A 182 -8.29 -3.91 -10.18
C ASP A 182 -8.15 -5.27 -9.51
N LEU A 183 -9.23 -5.74 -8.88
CA LEU A 183 -9.11 -6.97 -8.10
C LEU A 183 -8.58 -8.12 -8.97
N ARG A 184 -8.81 -8.12 -10.28
CA ARG A 184 -8.29 -9.22 -11.11
C ARG A 184 -6.76 -9.19 -11.06
N LEU A 185 -6.16 -8.00 -11.25
CA LEU A 185 -4.69 -7.85 -11.21
C LEU A 185 -4.19 -8.09 -9.78
N GLN A 186 -4.97 -7.68 -8.77
CA GLN A 186 -4.55 -7.87 -7.38
C GLN A 186 -4.48 -9.38 -7.06
N TYR A 187 -5.44 -10.19 -7.50
CA TYR A 187 -5.46 -11.66 -7.32
C TYR A 187 -4.20 -12.25 -8.00
N LEU A 188 -3.90 -11.80 -9.26
CA LEU A 188 -2.75 -12.31 -10.04
C LEU A 188 -1.45 -11.97 -9.27
N ALA A 189 -1.32 -10.74 -8.82
CA ALA A 189 -0.12 -10.26 -8.12
C ALA A 189 0.06 -11.01 -6.82
N HIS A 190 -1.03 -11.18 -6.09
CA HIS A 190 -0.95 -11.87 -4.77
C HIS A 190 -0.48 -13.31 -4.99
N ARG A 191 -1.09 -14.03 -5.95
CA ARG A 191 -0.79 -15.47 -6.20
C ARG A 191 0.68 -15.59 -6.60
N GLU A 192 1.11 -14.76 -7.56
CA GLU A 192 2.48 -14.95 -8.11
C GLU A 192 3.55 -14.52 -7.11
N LEU A 193 3.31 -13.50 -6.28
CA LEU A 193 4.31 -13.12 -5.27
C LEU A 193 4.41 -14.23 -4.23
N ARG A 194 3.26 -14.69 -3.74
CA ARG A 194 3.25 -15.75 -2.72
CA ARG A 194 3.23 -15.76 -2.72
C ARG A 194 4.02 -16.95 -3.26
N ASN A 195 3.71 -17.38 -4.49
CA ASN A 195 4.32 -18.61 -5.08
C ASN A 195 5.84 -18.40 -5.19
N ALA A 196 6.28 -17.21 -5.62
CA ALA A 196 7.73 -16.92 -5.76
C ALA A 196 8.44 -16.97 -4.40
N LEU A 197 7.82 -16.42 -3.35
CA LEU A 197 8.46 -16.46 -2.01
C LEU A 197 8.58 -17.90 -1.54
N LEU A 198 7.51 -18.69 -1.68
CA LEU A 198 7.49 -20.05 -1.09
C LEU A 198 8.48 -20.93 -1.86
N GLU A 199 8.57 -20.76 -3.17
CA GLU A 199 9.46 -21.62 -3.99
C GLU A 199 10.92 -21.15 -3.81
N ASN A 200 11.18 -19.91 -3.42
CA ASN A 200 12.55 -19.39 -3.23
C ASN A 200 12.91 -19.32 -1.75
N GLY A 201 12.01 -19.75 -0.87
CA GLY A 201 12.27 -19.82 0.59
C GLY A 201 12.49 -18.44 1.18
N ALA A 202 11.88 -17.41 0.60
CA ALA A 202 11.93 -16.02 1.08
C ALA A 202 10.75 -15.78 2.01
N LYS A 203 10.85 -14.84 2.94
CA LYS A 203 9.84 -14.64 4.02
C LYS A 203 8.94 -13.43 3.71
N ALA A 204 9.37 -12.46 2.91
CA ALA A 204 8.64 -11.19 2.78
C ALA A 204 8.94 -10.54 1.43
N GLY A 205 8.01 -9.75 0.94
CA GLY A 205 8.14 -9.02 -0.32
C GLY A 205 6.93 -8.18 -0.62
N SER A 206 7.02 -7.44 -1.71
CA SER A 206 5.95 -6.55 -2.13
C SER A 206 5.91 -6.50 -3.66
N LEU A 207 4.78 -6.14 -4.21
CA LEU A 207 4.56 -5.92 -5.66
C LEU A 207 3.59 -4.77 -5.84
N VAL A 208 3.96 -3.79 -6.67
CA VAL A 208 3.14 -2.61 -6.96
C VAL A 208 2.99 -2.59 -8.49
N ILE A 209 1.78 -2.35 -8.98
CA ILE A 209 1.40 -2.18 -10.40
C ILE A 209 0.73 -0.82 -10.51
N MET A 210 1.25 0.03 -11.43
CA MET A 210 0.72 1.38 -11.63
C MET A 210 0.30 1.53 -13.10
N ASP A 211 -0.76 2.26 -13.32
CA ASP A 211 -1.14 2.74 -14.65
C ASP A 211 -0.31 3.97 -14.95
N VAL A 212 0.58 3.91 -15.97
CA VAL A 212 1.54 5.01 -16.14
C VAL A 212 0.87 6.29 -16.63
N LYS A 213 -0.29 6.18 -17.27
CA LYS A 213 -1.04 7.32 -17.84
C LYS A 213 -1.81 8.07 -16.76
N THR A 214 -2.37 7.34 -15.78
CA THR A 214 -3.39 7.89 -14.88
C THR A 214 -2.87 8.06 -13.46
N GLY A 215 -1.74 7.51 -13.08
CA GLY A 215 -1.18 7.53 -11.71
C GLY A 215 -1.89 6.52 -10.78
N GLU A 216 -2.80 5.74 -11.32
CA GLU A 216 -3.59 4.78 -10.51
C GLU A 216 -2.72 3.60 -10.08
N ILE A 217 -2.86 3.20 -8.81
CA ILE A 217 -2.27 1.98 -8.28
C ILE A 217 -3.26 0.88 -8.59
N LEU A 218 -2.91 0.02 -9.50
CA LEU A 218 -3.79 -1.05 -10.00
C LEU A 218 -3.72 -2.29 -9.11
N ALA A 219 -2.60 -2.51 -8.46
CA ALA A 219 -2.37 -3.60 -7.51
C ALA A 219 -1.31 -3.22 -6.52
N MET A 220 -1.52 -3.69 -5.28
CA MET A 220 -0.48 -3.49 -4.23
C MET A 220 -0.59 -4.65 -3.28
N THR A 221 0.38 -5.53 -3.31
CA THR A 221 0.35 -6.74 -2.48
C THR A 221 1.63 -6.79 -1.65
N ASN A 222 1.50 -7.21 -0.38
CA ASN A 222 2.62 -7.49 0.51
C ASN A 222 2.49 -8.92 1.02
N GLN A 223 3.61 -9.58 1.22
CA GLN A 223 3.71 -10.86 1.94
C GLN A 223 4.67 -10.66 3.10
N PRO A 224 4.38 -11.23 4.28
CA PRO A 224 3.14 -11.94 4.55
C PRO A 224 1.91 -11.01 4.65
N THR A 225 0.76 -11.67 4.58
CA THR A 225 -0.55 -11.02 4.66
C THR A 225 -1.37 -11.73 5.73
N TYR A 226 -2.56 -11.26 5.90
CA TYR A 226 -3.45 -11.69 7.01
C TYR A 226 -4.87 -11.63 6.50
N ASN A 227 -5.75 -12.32 7.21
CA ASN A 227 -7.19 -12.26 6.88
C ASN A 227 -7.83 -11.23 7.79
N PRO A 228 -8.31 -10.08 7.25
CA PRO A 228 -8.91 -9.00 8.05
C PRO A 228 -10.21 -9.45 8.71
N ASN A 229 -10.81 -10.53 8.22
CA ASN A 229 -12.09 -11.06 8.77
C ASN A 229 -11.83 -11.87 10.04
N ASN A 230 -10.59 -12.20 10.32
CA ASN A 230 -10.26 -13.07 11.48
C ASN A 230 -8.85 -12.73 11.92
N ARG A 231 -8.75 -11.67 12.72
CA ARG A 231 -7.46 -11.15 13.24
C ARG A 231 -7.11 -11.72 14.63
N ARG A 232 -7.78 -12.78 15.11
CA ARG A 232 -7.22 -13.57 16.25
C ARG A 232 -5.99 -14.28 15.68
N ASN A 233 -4.86 -14.32 16.39
CA ASN A 233 -3.61 -15.04 15.98
C ASN A 233 -2.76 -14.17 15.06
N LEU A 234 -3.12 -12.89 14.89
CA LEU A 234 -2.48 -11.97 13.91
C LEU A 234 -1.06 -11.63 14.38
N GLN A 235 -0.05 -11.93 13.55
CA GLN A 235 1.36 -11.56 13.85
C GLN A 235 1.59 -10.12 13.36
N PRO A 236 2.20 -9.21 14.14
CA PRO A 236 2.42 -7.84 13.66
C PRO A 236 3.21 -7.77 12.35
N ALA A 237 4.17 -8.66 12.15
CA ALA A 237 4.90 -8.82 10.87
C ALA A 237 3.92 -8.85 9.69
N ALA A 238 2.78 -9.53 9.83
CA ALA A 238 1.80 -9.75 8.73
C ALA A 238 1.07 -8.44 8.42
N MET A 239 1.01 -7.49 9.33
CA MET A 239 0.11 -6.33 9.14
C MET A 239 0.91 -5.22 8.47
N ARG A 240 2.22 -5.44 8.29
CA ARG A 240 3.13 -4.40 7.78
C ARG A 240 2.86 -4.13 6.29
N ASN A 241 2.53 -2.89 5.94
CA ASN A 241 2.23 -2.49 4.55
C ASN A 241 3.59 -2.18 3.89
N ARG A 242 4.35 -3.22 3.58
CA ARG A 242 5.78 -3.11 3.16
C ARG A 242 5.91 -2.15 2.00
N ALA A 243 5.02 -2.17 1.02
CA ALA A 243 5.22 -1.37 -0.24
C ALA A 243 5.33 0.13 0.11
N MET A 244 4.66 0.58 1.16
CA MET A 244 4.57 1.99 1.60
C MET A 244 5.48 2.31 2.77
N ILE A 245 6.00 1.31 3.51
CA ILE A 245 6.75 1.58 4.74
C ILE A 245 8.21 1.14 4.64
N ASP A 246 8.52 0.05 3.94
CA ASP A 246 9.91 -0.48 3.88
CA ASP A 246 9.92 -0.47 3.89
C ASP A 246 10.76 0.51 3.06
N VAL A 247 11.79 1.05 3.68
CA VAL A 247 12.72 2.02 3.06
C VAL A 247 14.01 1.30 2.75
N PHE A 248 14.54 1.52 1.54
CA PHE A 248 15.76 0.82 1.10
C PHE A 248 16.52 1.72 0.12
N GLU A 249 17.82 1.47 0.07
CA GLU A 249 18.69 2.01 -0.99
C GLU A 249 18.40 1.24 -2.27
N PRO A 250 17.97 1.91 -3.37
CA PRO A 250 17.47 1.19 -4.52
C PRO A 250 18.52 0.64 -5.50
N GLY A 251 19.77 1.00 -5.28
CA GLY A 251 20.83 0.44 -6.11
C GLY A 251 20.63 0.73 -7.60
N SER A 252 20.91 -0.25 -8.42
CA SER A 252 20.98 -0.11 -9.90
C SER A 252 19.64 0.32 -10.46
N THR A 253 18.51 0.11 -9.76
CA THR A 253 17.21 0.54 -10.29
C THR A 253 17.11 2.06 -10.53
N VAL A 254 17.97 2.90 -9.96
CA VAL A 254 17.85 4.36 -10.21
C VAL A 254 18.91 4.75 -11.25
N LYS A 255 19.74 3.84 -11.70
CA LYS A 255 20.70 4.19 -12.80
C LYS A 255 19.99 4.75 -14.01
N PRO A 256 18.77 4.32 -14.40
CA PRO A 256 18.07 4.99 -15.50
C PRO A 256 17.85 6.49 -15.33
N PHE A 257 17.70 6.97 -14.10
CA PHE A 257 17.53 8.39 -13.78
C PHE A 257 18.87 9.09 -13.93
N SER A 258 19.95 8.46 -13.49
CA SER A 258 21.31 8.99 -13.68
C SER A 258 21.51 9.15 -15.18
N MET A 259 21.10 8.16 -15.97
CA MET A 259 21.32 8.20 -17.44
C MET A 259 20.43 9.31 -18.02
N SER A 260 19.22 9.52 -17.50
CA SER A 260 18.29 10.57 -18.00
C SER A 260 18.98 11.92 -17.83
N ALA A 261 19.60 12.14 -16.68
CA ALA A 261 20.36 13.37 -16.38
C ALA A 261 21.47 13.50 -17.43
N ALA A 262 22.16 12.41 -17.72
CA ALA A 262 23.32 12.44 -18.66
C ALA A 262 22.84 12.85 -20.06
N LEU A 263 21.75 12.26 -20.53
CA LEU A 263 21.20 12.54 -21.87
C LEU A 263 20.64 13.97 -21.93
N ALA A 264 20.21 14.56 -20.81
CA ALA A 264 19.65 15.91 -20.75
C ALA A 264 20.78 16.96 -20.67
N SER A 265 21.99 16.55 -20.36
CA SER A 265 23.11 17.49 -20.07
C SER A 265 23.62 18.20 -21.33
N GLY A 266 23.40 17.63 -22.50
CA GLY A 266 24.05 18.07 -23.74
C GLY A 266 25.35 17.36 -24.02
N ARG A 267 25.88 16.56 -23.09
CA ARG A 267 27.29 16.09 -23.15
C ARG A 267 27.35 14.62 -23.52
N TRP A 268 26.22 13.92 -23.60
CA TRP A 268 26.20 12.46 -23.77
C TRP A 268 25.13 12.05 -24.78
N LYS A 269 25.45 11.05 -25.59
CA LYS A 269 24.47 10.38 -26.49
C LYS A 269 24.63 8.89 -26.31
N PRO A 270 23.61 8.06 -26.66
CA PRO A 270 23.65 6.62 -26.39
C PRO A 270 24.84 5.86 -26.94
N SER A 271 25.35 6.29 -28.09
CA SER A 271 26.49 5.60 -28.74
C SER A 271 27.82 5.98 -28.07
N ASP A 272 27.82 6.93 -27.12
CA ASP A 272 29.05 7.29 -26.40
C ASP A 272 29.60 6.07 -25.68
N ILE A 273 30.90 6.05 -25.51
CA ILE A 273 31.69 4.94 -24.95
C ILE A 273 32.34 5.45 -23.66
N VAL A 274 32.37 4.60 -22.65
CA VAL A 274 33.14 4.84 -21.41
C VAL A 274 34.03 3.61 -21.22
N ASP A 275 35.28 3.82 -20.88
CA ASP A 275 36.26 2.79 -20.52
C ASP A 275 36.11 2.49 -19.03
N VAL A 276 35.67 1.29 -18.71
CA VAL A 276 35.44 0.92 -17.29
C VAL A 276 36.51 -0.05 -16.80
N TYR A 277 37.49 -0.40 -17.63
CA TYR A 277 38.59 -1.31 -17.24
C TYR A 277 39.36 -0.66 -16.09
N PRO A 278 39.83 -1.40 -15.06
CA PRO A 278 39.65 -2.85 -14.92
C PRO A 278 38.47 -3.28 -14.02
N GLY A 279 37.41 -2.50 -14.01
CA GLY A 279 36.24 -2.84 -13.15
C GLY A 279 36.27 -2.17 -11.80
N THR A 280 37.24 -1.31 -11.58
CA THR A 280 37.48 -0.53 -10.36
C THR A 280 37.85 0.88 -10.77
N LEU A 281 37.62 1.81 -9.85
CA LEU A 281 38.02 3.23 -10.00
C LEU A 281 38.39 3.76 -8.64
N GLN A 282 39.64 4.17 -8.47
CA GLN A 282 40.12 4.80 -7.22
C GLN A 282 39.72 6.28 -7.26
N ILE A 283 39.06 6.76 -6.21
CA ILE A 283 38.79 8.21 -6.05
C ILE A 283 39.25 8.58 -4.64
N GLY A 284 40.46 9.12 -4.55
CA GLY A 284 41.09 9.40 -3.26
C GLY A 284 41.22 8.10 -2.49
N ARG A 285 40.74 8.05 -1.25
CA ARG A 285 40.88 6.87 -0.36
C ARG A 285 39.75 5.86 -0.64
N TYR A 286 38.82 6.17 -1.54
CA TYR A 286 37.65 5.30 -1.87
C TYR A 286 37.90 4.52 -3.16
N THR A 287 37.42 3.29 -3.26
CA THR A 287 37.45 2.52 -4.54
C THR A 287 36.00 2.18 -4.95
N ILE A 288 35.63 2.54 -6.16
CA ILE A 288 34.35 2.10 -6.79
C ILE A 288 34.60 0.77 -7.47
N ARG A 289 33.78 -0.24 -7.19
CA ARG A 289 33.98 -1.61 -7.69
C ARG A 289 32.73 -2.03 -8.46
N ASP A 290 32.94 -2.60 -9.64
CA ASP A 290 31.82 -3.14 -10.44
C ASP A 290 31.51 -4.58 -10.02
N VAL A 291 30.25 -4.94 -10.17
CA VAL A 291 29.80 -6.32 -9.89
C VAL A 291 30.40 -7.31 -10.89
N SER A 292 30.53 -6.91 -12.14
CA SER A 292 31.21 -7.75 -13.15
C SER A 292 32.34 -6.91 -13.72
N ARG A 293 33.52 -7.50 -13.82
CA ARG A 293 34.77 -6.76 -14.10
C ARG A 293 35.46 -7.40 -15.31
N ASN A 294 34.70 -7.57 -16.39
CA ASN A 294 35.12 -8.27 -17.62
C ASN A 294 35.00 -7.31 -18.80
N SER A 295 35.01 -5.99 -18.58
CA SER A 295 34.75 -5.00 -19.63
C SER A 295 35.89 -3.98 -19.73
N ARG A 296 36.04 -3.45 -20.94
CA ARG A 296 36.78 -2.20 -21.19
C ARG A 296 35.81 -1.17 -21.73
N GLN A 297 35.68 -1.03 -23.04
CA GLN A 297 34.71 -0.06 -23.59
C GLN A 297 33.30 -0.61 -23.48
N LEU A 298 32.41 0.24 -23.03
CA LEU A 298 30.94 0.00 -22.95
C LEU A 298 30.26 1.23 -23.50
N ASP A 299 29.22 1.05 -24.30
CA ASP A 299 28.36 2.21 -24.66
C ASP A 299 27.35 2.41 -23.53
N LEU A 300 26.57 3.45 -23.60
CA LEU A 300 25.70 3.81 -22.44
C LEU A 300 24.71 2.69 -22.21
N THR A 301 24.20 2.03 -23.24
CA THR A 301 23.27 0.89 -22.98
C THR A 301 24.02 -0.24 -22.25
N GLY A 302 25.25 -0.53 -22.66
CA GLY A 302 26.04 -1.55 -21.98
C GLY A 302 26.33 -1.21 -20.55
N ILE A 303 26.51 0.05 -20.20
CA ILE A 303 26.74 0.48 -18.79
C ILE A 303 25.50 0.05 -17.99
N LEU A 304 24.31 0.18 -18.56
CA LEU A 304 23.05 -0.31 -17.90
C LEU A 304 22.95 -1.84 -17.88
N ILE A 305 23.25 -2.51 -18.98
CA ILE A 305 23.15 -3.99 -19.06
C ILE A 305 24.11 -4.62 -18.04
N LYS A 306 25.35 -4.12 -17.98
CA LYS A 306 26.38 -4.65 -17.04
C LYS A 306 26.15 -4.11 -15.60
N SER A 307 25.33 -3.08 -15.42
CA SER A 307 25.16 -2.35 -14.15
C SER A 307 26.52 -1.87 -13.64
N SER A 308 27.38 -1.36 -14.53
CA SER A 308 28.73 -0.90 -14.14
C SER A 308 28.64 0.36 -13.26
N ASN A 309 29.07 0.25 -12.00
CA ASN A 309 29.20 1.39 -11.09
C ASN A 309 30.29 2.34 -11.60
N VAL A 310 31.37 1.77 -12.13
CA VAL A 310 32.47 2.62 -12.66
C VAL A 310 31.94 3.45 -13.82
N GLY A 311 31.20 2.84 -14.73
CA GLY A 311 30.68 3.53 -15.90
C GLY A 311 29.77 4.67 -15.49
N ILE A 312 28.76 4.39 -14.64
CA ILE A 312 27.82 5.44 -14.26
C ILE A 312 28.52 6.54 -13.44
N SER A 313 29.54 6.20 -12.68
CA SER A 313 30.27 7.16 -11.83
C SER A 313 31.06 8.13 -12.72
N LYS A 314 31.65 7.61 -13.79
CA LYS A 314 32.47 8.49 -14.69
C LYS A 314 31.52 9.47 -15.36
N ILE A 315 30.33 9.02 -15.78
CA ILE A 315 29.32 9.91 -16.38
C ILE A 315 28.94 10.97 -15.34
N ALA A 316 28.58 10.54 -14.11
CA ALA A 316 28.16 11.45 -13.03
C ALA A 316 29.22 12.53 -12.75
N PHE A 317 30.51 12.18 -12.71
CA PHE A 317 31.62 13.16 -12.51
C PHE A 317 31.56 14.18 -13.63
N ASP A 318 31.26 13.75 -14.86
CA ASP A 318 31.26 14.67 -16.04
C ASP A 318 30.06 15.63 -15.98
N ILE A 319 28.88 15.18 -15.54
CA ILE A 319 27.64 16.00 -15.64
C ILE A 319 27.37 16.72 -14.29
N GLY A 320 27.94 16.23 -13.21
CA GLY A 320 27.72 16.76 -11.86
C GLY A 320 26.53 16.10 -11.15
N ALA A 321 26.67 15.94 -9.86
CA ALA A 321 25.62 15.36 -9.01
C ALA A 321 24.33 16.18 -9.03
N GLU A 322 24.41 17.50 -9.15
CA GLU A 322 23.22 18.38 -9.06
C GLU A 322 22.20 17.95 -10.12
N SER A 323 22.64 17.58 -11.33
CA SER A 323 21.74 17.22 -12.45
C SER A 323 21.00 15.93 -12.07
N ILE A 324 21.68 15.02 -11.41
CA ILE A 324 21.15 13.68 -11.08
C ILE A 324 20.15 13.86 -9.94
N TYR A 325 20.58 14.60 -8.93
CA TYR A 325 19.72 14.95 -7.80
C TYR A 325 18.39 15.51 -8.30
N SER A 326 18.45 16.43 -9.23
CA SER A 326 17.29 17.16 -9.74
C SER A 326 16.35 16.16 -10.41
N VAL A 327 16.83 15.23 -11.23
CA VAL A 327 15.93 14.25 -11.90
C VAL A 327 15.29 13.39 -10.80
N MET A 328 16.10 12.87 -9.88
CA MET A 328 15.58 11.96 -8.81
C MET A 328 14.51 12.68 -7.98
N GLN A 329 14.70 13.95 -7.65
CA GLN A 329 13.71 14.72 -6.88
CA GLN A 329 13.71 14.74 -6.88
C GLN A 329 12.43 14.91 -7.72
N GLN A 330 12.58 15.23 -9.00
CA GLN A 330 11.42 15.55 -9.86
C GLN A 330 10.58 14.30 -10.11
N VAL A 331 11.15 13.11 -10.10
CA VAL A 331 10.38 11.85 -10.31
C VAL A 331 9.85 11.33 -8.96
N GLY A 332 10.11 12.04 -7.84
CA GLY A 332 9.45 11.79 -6.54
C GLY A 332 10.27 10.98 -5.57
N LEU A 333 11.50 10.59 -5.88
CA LEU A 333 12.30 9.69 -5.00
C LEU A 333 12.65 10.41 -3.70
N GLY A 334 12.37 9.78 -2.56
CA GLY A 334 12.57 10.43 -1.27
C GLY A 334 11.63 11.60 -1.02
N GLN A 335 10.48 11.67 -1.70
CA GLN A 335 9.48 12.77 -1.59
CA GLN A 335 9.48 12.77 -1.53
C GLN A 335 8.13 12.21 -1.07
N ASP A 336 7.33 13.03 -0.39
CA ASP A 336 5.96 12.68 0.04
C ASP A 336 5.11 12.18 -1.15
N THR A 337 4.40 11.05 -1.05
CA THR A 337 3.58 10.54 -2.16
C THR A 337 2.21 11.24 -2.24
N GLY A 338 1.74 11.81 -1.13
CA GLY A 338 0.40 12.43 -0.97
C GLY A 338 -0.73 11.42 -0.82
N LEU A 339 -0.46 10.13 -0.57
CA LEU A 339 -1.60 9.14 -0.52
C LEU A 339 -2.32 9.12 0.83
N GLY A 340 -1.73 9.63 1.89
CA GLY A 340 -2.42 9.71 3.21
C GLY A 340 -2.62 8.36 3.90
N PHE A 341 -1.84 7.33 3.57
CA PHE A 341 -1.83 6.06 4.34
C PHE A 341 -1.05 6.26 5.63
N PRO A 342 -1.49 5.54 6.70
CA PRO A 342 -1.07 5.95 8.02
C PRO A 342 0.44 5.80 8.25
N GLY A 343 1.02 4.67 7.84
CA GLY A 343 2.47 4.45 8.13
C GLY A 343 3.41 5.04 7.08
N GLU A 344 2.91 5.72 6.05
CA GLU A 344 3.71 5.87 4.81
C GLU A 344 5.04 6.61 5.12
N ARG A 345 6.18 6.04 4.67
CA ARG A 345 7.52 6.65 4.86
C ARG A 345 7.96 7.37 3.57
N VAL A 346 8.77 8.39 3.72
CA VAL A 346 9.27 9.33 2.63
C VAL A 346 10.65 8.88 2.16
N GLY A 347 11.41 8.18 2.99
CA GLY A 347 12.79 7.90 2.65
C GLY A 347 13.64 9.16 2.67
N ASN A 348 14.67 9.22 1.86
CA ASN A 348 15.69 10.28 2.05
C ASN A 348 16.44 10.45 0.72
N LEU A 349 16.42 11.65 0.17
CA LEU A 349 17.28 12.02 -1.00
C LEU A 349 18.13 13.19 -0.51
N PRO A 350 19.30 12.90 0.04
CA PRO A 350 20.11 13.92 0.68
C PRO A 350 20.62 14.95 -0.33
N ASN A 351 20.71 16.17 0.13
CA ASN A 351 21.26 17.27 -0.71
C ASN A 351 22.55 17.79 -0.12
N HIS A 352 23.35 18.42 -0.98
CA HIS A 352 24.67 18.99 -0.64
C HIS A 352 24.82 20.28 -1.40
N ARG A 353 25.59 21.20 -0.86
CA ARG A 353 26.03 22.34 -1.65
CA ARG A 353 26.05 22.37 -1.62
C ARG A 353 27.20 21.88 -2.53
N LYS A 354 28.15 21.20 -1.91
CA LYS A 354 29.34 20.67 -2.62
C LYS A 354 29.22 19.17 -2.58
N TRP A 355 29.23 18.55 -3.74
CA TRP A 355 29.14 17.09 -3.91
C TRP A 355 30.54 16.55 -4.19
N PRO A 356 31.23 15.97 -3.20
CA PRO A 356 32.50 15.31 -3.47
C PRO A 356 32.28 14.10 -4.38
N LYS A 357 33.39 13.58 -4.93
CA LYS A 357 33.29 12.46 -5.88
C LYS A 357 32.58 11.26 -5.23
N ALA A 358 32.95 10.86 -4.01
CA ALA A 358 32.33 9.66 -3.37
C ALA A 358 30.81 9.79 -3.34
N GLU A 359 30.29 10.93 -2.85
CA GLU A 359 28.83 11.13 -2.68
C GLU A 359 28.16 11.22 -4.06
N THR A 360 28.84 11.78 -5.08
CA THR A 360 28.30 11.88 -6.44
C THR A 360 28.14 10.45 -6.95
N ALA A 361 29.19 9.64 -6.83
CA ALA A 361 29.18 8.24 -7.33
C ALA A 361 28.06 7.44 -6.62
N THR A 362 28.02 7.47 -5.30
CA THR A 362 27.02 6.65 -4.56
C THR A 362 25.61 7.08 -4.92
N LEU A 363 25.34 8.36 -5.14
CA LEU A 363 24.00 8.80 -5.60
C LEU A 363 23.72 8.15 -6.97
N ALA A 364 24.68 8.29 -7.90
CA ALA A 364 24.47 7.85 -9.26
C ALA A 364 24.20 6.37 -9.36
N TYR A 365 24.81 5.52 -8.51
CA TYR A 365 24.57 4.08 -8.58
C TYR A 365 23.57 3.60 -7.50
N GLY A 366 22.90 4.52 -6.82
CA GLY A 366 21.69 4.17 -6.04
C GLY A 366 21.94 3.87 -4.60
N TYR A 367 23.11 4.15 -4.00
CA TYR A 367 23.30 3.79 -2.57
C TYR A 367 23.29 5.10 -1.73
N GLY A 368 23.13 6.25 -2.38
CA GLY A 368 23.15 7.59 -1.76
C GLY A 368 21.74 8.16 -1.53
N LEU A 369 20.75 7.30 -1.48
CA LEU A 369 19.37 7.68 -1.24
C LEU A 369 18.62 6.44 -0.72
N SER A 370 17.45 6.67 -0.16
CA SER A 370 16.56 5.58 0.24
C SER A 370 15.13 5.93 -0.15
N VAL A 371 14.43 4.90 -0.60
CA VAL A 371 13.10 5.06 -1.21
C VAL A 371 12.20 3.93 -0.68
N THR A 372 10.94 4.04 -1.01
CA THR A 372 9.96 2.94 -0.88
C THR A 372 9.63 2.35 -2.25
N ALA A 373 9.01 1.18 -2.27
CA ALA A 373 8.60 0.50 -3.51
C ALA A 373 7.61 1.38 -4.26
N ILE A 374 6.70 2.06 -3.56
CA ILE A 374 5.67 2.95 -4.18
CA ILE A 374 5.69 2.91 -4.24
C ILE A 374 6.40 4.11 -4.91
N GLN A 375 7.39 4.69 -4.25
CA GLN A 375 8.13 5.79 -4.85
C GLN A 375 8.84 5.31 -6.14
N LEU A 376 9.46 4.16 -6.06
CA LEU A 376 10.24 3.60 -7.16
C LEU A 376 9.28 3.33 -8.32
N ALA A 377 8.09 2.80 -8.08
CA ALA A 377 7.10 2.53 -9.13
C ALA A 377 6.66 3.85 -9.77
N HIS A 378 6.43 4.88 -8.95
CA HIS A 378 5.96 6.20 -9.40
C HIS A 378 7.02 6.81 -10.33
N ALA A 379 8.27 6.60 -10.01
CA ALA A 379 9.43 7.15 -10.81
C ALA A 379 9.46 6.39 -12.14
N TYR A 380 9.35 5.07 -12.13
CA TYR A 380 9.26 4.26 -13.35
C TYR A 380 8.05 4.67 -14.19
N ALA A 381 6.92 4.99 -13.57
CA ALA A 381 5.72 5.41 -14.28
C ALA A 381 5.99 6.71 -15.05
N ALA A 382 6.68 7.65 -14.44
CA ALA A 382 7.01 8.92 -15.10
C ALA A 382 7.85 8.63 -16.37
N LEU A 383 8.89 7.83 -16.21
CA LEU A 383 9.80 7.45 -17.34
C LEU A 383 9.00 6.75 -18.45
N ALA A 384 8.10 5.83 -18.06
CA ALA A 384 7.25 5.08 -18.99
C ALA A 384 6.27 5.99 -19.72
N ASN A 385 5.75 6.98 -19.05
CA ASN A 385 4.71 7.91 -19.55
C ASN A 385 5.40 9.05 -20.35
N ASP A 386 6.41 8.68 -21.12
CA ASP A 386 7.24 9.60 -21.95
C ASP A 386 7.68 10.81 -21.11
N GLY A 387 8.08 10.58 -19.87
CA GLY A 387 8.69 11.58 -18.99
C GLY A 387 7.73 12.46 -18.21
N LYS A 388 6.43 12.22 -18.29
CA LYS A 388 5.41 13.03 -17.59
C LYS A 388 4.95 12.31 -16.30
N SER A 389 5.19 12.96 -15.18
CA SER A 389 4.74 12.47 -13.85
CA SER A 389 4.74 12.47 -13.85
C SER A 389 3.26 12.80 -13.64
N VAL A 390 2.51 11.86 -13.14
CA VAL A 390 1.08 12.02 -12.79
C VAL A 390 0.99 11.68 -11.32
N PRO A 391 0.24 12.43 -10.50
CA PRO A 391 0.16 12.14 -9.07
C PRO A 391 -0.36 10.71 -8.84
N LEU A 392 0.21 10.06 -7.85
CA LEU A 392 -0.25 8.72 -7.37
C LEU A 392 -1.70 8.83 -6.89
N SER A 393 -2.47 7.80 -7.21
CA SER A 393 -3.87 7.70 -6.73
C SER A 393 -4.16 6.28 -6.28
N MET A 394 -4.80 6.15 -5.11
CA MET A 394 -5.39 4.85 -4.68
C MET A 394 -6.90 4.79 -4.97
N THR A 395 -7.46 5.84 -5.54
CA THR A 395 -8.87 5.91 -5.93
C THR A 395 -8.99 5.96 -7.45
N ARG A 396 -10.11 5.50 -7.95
CA ARG A 396 -10.38 5.47 -9.40
C ARG A 396 -10.27 6.89 -9.95
N VAL A 397 -9.50 7.02 -11.04
CA VAL A 397 -9.31 8.30 -11.74
C VAL A 397 -10.19 8.30 -12.99
N ASP A 398 -11.03 9.31 -13.10
CA ASP A 398 -11.93 9.54 -14.26
C ASP A 398 -11.35 10.66 -15.11
N ARG A 399 -10.93 11.76 -14.50
CA ARG A 399 -10.34 12.94 -15.17
C ARG A 399 -8.85 12.85 -14.83
N VAL A 400 -7.99 12.61 -15.81
CA VAL A 400 -6.55 12.47 -15.51
C VAL A 400 -5.94 13.85 -15.28
N PRO A 401 -5.18 14.04 -14.17
CA PRO A 401 -4.54 15.33 -13.93
C PRO A 401 -3.54 15.67 -15.06
N ASP A 402 -3.27 16.96 -15.24
CA ASP A 402 -2.26 17.39 -16.24
C ASP A 402 -0.91 16.75 -15.91
N GLY A 403 -0.47 16.72 -14.67
CA GLY A 403 0.88 16.20 -14.46
C GLY A 403 1.98 17.13 -14.99
N VAL A 404 3.21 16.68 -14.81
CA VAL A 404 4.39 17.56 -14.96
C VAL A 404 5.38 16.83 -15.86
N GLN A 405 5.87 17.55 -16.86
CA GLN A 405 6.91 16.97 -17.75
C GLN A 405 8.22 17.11 -17.01
N VAL A 406 8.74 16.03 -16.43
CA VAL A 406 9.93 16.05 -15.55
C VAL A 406 11.14 15.57 -16.35
N ILE A 407 10.93 14.74 -17.37
CA ILE A 407 12.02 14.30 -18.29
C ILE A 407 11.54 14.59 -19.71
N SER A 408 12.39 15.16 -20.58
CA SER A 408 11.92 15.48 -21.94
C SER A 408 11.44 14.19 -22.61
N PRO A 409 10.40 14.28 -23.45
CA PRO A 409 9.91 13.08 -24.15
C PRO A 409 11.02 12.40 -24.95
N GLU A 410 11.89 13.17 -25.62
CA GLU A 410 13.01 12.56 -26.38
C GLU A 410 13.93 11.74 -25.45
N VAL A 411 14.31 12.30 -24.30
CA VAL A 411 15.23 11.59 -23.37
C VAL A 411 14.48 10.37 -22.83
N ALA A 412 13.20 10.52 -22.45
CA ALA A 412 12.43 9.38 -21.91
C ALA A 412 12.34 8.25 -22.94
N SER A 413 12.07 8.60 -24.21
CA SER A 413 12.02 7.60 -25.29
C SER A 413 13.38 6.87 -25.40
N THR A 414 14.48 7.62 -25.36
CA THR A 414 15.82 7.00 -25.46
C THR A 414 16.06 6.04 -24.28
N VAL A 415 15.73 6.47 -23.07
CA VAL A 415 15.96 5.61 -21.89
C VAL A 415 15.03 4.39 -21.94
N GLN A 416 13.79 4.53 -22.39
CA GLN A 416 12.88 3.37 -22.59
C GLN A 416 13.53 2.33 -23.50
N GLY A 417 14.18 2.80 -24.58
CA GLY A 417 14.79 1.86 -25.53
C GLY A 417 16.00 1.18 -24.92
N MET A 418 16.75 1.87 -24.05
CA MET A 418 17.91 1.31 -23.34
C MET A 418 17.41 0.21 -22.40
N LEU A 419 16.32 0.47 -21.67
CA LEU A 419 15.75 -0.54 -20.74
C LEU A 419 15.13 -1.71 -21.46
N GLN A 420 14.64 -1.51 -22.67
CA GLN A 420 14.18 -2.63 -23.53
C GLN A 420 15.38 -3.53 -23.81
N GLN A 421 16.53 -2.96 -24.18
CA GLN A 421 17.77 -3.71 -24.42
C GLN A 421 18.23 -4.42 -23.15
N VAL A 422 18.09 -3.81 -21.97
CA VAL A 422 18.52 -4.48 -20.73
C VAL A 422 17.77 -5.82 -20.63
N VAL A 423 16.48 -5.83 -20.91
CA VAL A 423 15.68 -7.08 -20.82
C VAL A 423 15.98 -8.04 -21.97
N GLU A 424 16.14 -7.52 -23.18
CA GLU A 424 16.13 -8.29 -24.46
CA GLU A 424 16.11 -8.39 -24.38
C GLU A 424 17.53 -8.73 -24.84
N ALA A 425 18.50 -7.88 -24.59
CA ALA A 425 19.79 -8.02 -25.33
C ALA A 425 20.56 -9.19 -24.72
N GLN A 426 21.45 -9.84 -25.50
CA GLN A 426 22.38 -10.90 -25.01
C GLN A 426 23.16 -10.27 -23.84
N GLY A 427 23.37 -11.01 -22.76
CA GLY A 427 23.91 -10.47 -21.49
C GLY A 427 22.83 -9.83 -20.62
N GLY A 428 21.60 -9.66 -21.12
CA GLY A 428 20.52 -8.93 -20.41
C GLY A 428 19.77 -9.80 -19.41
N VAL A 429 18.75 -9.21 -18.80
CA VAL A 429 17.91 -9.87 -17.75
C VAL A 429 16.81 -10.68 -18.45
N PHE A 430 17.22 -11.77 -19.12
CA PHE A 430 16.34 -12.63 -19.96
C PHE A 430 15.13 -13.16 -19.16
N ARG A 431 15.27 -13.33 -17.84
CA ARG A 431 14.18 -13.88 -17.00
C ARG A 431 13.05 -12.88 -16.80
N ALA A 432 13.24 -11.58 -17.11
CA ALA A 432 12.18 -10.53 -17.03
C ALA A 432 11.40 -10.47 -18.31
N GLN A 433 11.88 -11.09 -19.40
CA GLN A 433 11.14 -11.04 -20.69
C GLN A 433 9.68 -11.49 -20.41
N VAL A 434 8.74 -10.78 -20.97
CA VAL A 434 7.27 -10.97 -20.73
C VAL A 434 6.70 -11.71 -21.91
N PRO A 435 6.13 -12.93 -21.67
CA PRO A 435 5.52 -13.71 -22.72
C PRO A 435 4.51 -12.85 -23.48
N GLY A 436 4.68 -12.78 -24.81
CA GLY A 436 3.76 -12.11 -25.73
C GLY A 436 4.08 -10.64 -25.96
N TYR A 437 4.97 -10.04 -25.19
CA TYR A 437 5.23 -8.59 -25.26
C TYR A 437 6.73 -8.32 -25.24
N HIS A 438 7.08 -7.07 -25.61
CA HIS A 438 8.39 -6.44 -25.35
C HIS A 438 8.27 -5.62 -24.08
N ALA A 439 9.15 -5.88 -23.14
CA ALA A 439 9.19 -5.20 -21.85
C ALA A 439 10.53 -4.50 -21.67
N ALA A 440 10.59 -3.65 -20.67
CA ALA A 440 11.74 -2.80 -20.35
C ALA A 440 11.90 -2.75 -18.85
N GLY A 441 13.10 -2.76 -18.32
CA GLY A 441 13.30 -2.66 -16.89
C GLY A 441 14.70 -2.88 -16.44
N LYS A 442 14.91 -2.83 -15.15
CA LYS A 442 16.25 -2.93 -14.53
C LYS A 442 16.15 -3.68 -13.21
N SER A 443 17.09 -4.56 -12.97
CA SER A 443 17.23 -5.26 -11.68
C SER A 443 18.06 -4.40 -10.75
N GLY A 444 18.02 -4.70 -9.48
CA GLY A 444 18.96 -4.15 -8.51
C GLY A 444 18.98 -5.01 -7.27
N THR A 445 20.03 -4.85 -6.50
CA THR A 445 20.20 -5.36 -5.13
C THR A 445 20.03 -4.17 -4.21
N ALA A 446 18.94 -4.15 -3.47
CA ALA A 446 18.62 -3.06 -2.54
C ALA A 446 19.24 -3.38 -1.20
N ARG A 447 19.58 -2.33 -0.45
CA ARG A 447 20.12 -2.47 0.93
C ARG A 447 19.08 -1.85 1.90
N LYS A 448 18.49 -2.60 2.83
CA LYS A 448 17.45 -2.11 3.80
C LYS A 448 18.07 -1.00 4.64
N VAL A 449 17.25 0.02 4.91
CA VAL A 449 17.54 1.18 5.81
C VAL A 449 16.49 1.17 6.92
N SER A 450 16.95 1.28 8.18
CA SER A 450 16.13 1.11 9.40
C SER A 450 16.28 2.33 10.31
N ALA A 460 20.51 -5.55 5.67
CA ALA A 460 19.67 -6.55 4.97
C ALA A 460 19.50 -6.15 3.50
N TYR A 461 19.16 -7.11 2.66
CA TYR A 461 19.13 -6.95 1.19
C TYR A 461 17.74 -7.34 0.65
N ARG A 462 17.44 -6.79 -0.50
CA ARG A 462 16.21 -7.09 -1.24
C ARG A 462 16.62 -7.29 -2.70
N SER A 463 15.98 -8.24 -3.34
CA SER A 463 16.03 -8.40 -4.81
C SER A 463 14.97 -7.48 -5.38
N LEU A 464 15.35 -6.57 -6.26
CA LEU A 464 14.41 -5.64 -6.88
C LEU A 464 14.36 -5.90 -8.38
N PHE A 465 13.21 -5.70 -8.92
CA PHE A 465 12.99 -5.54 -10.36
C PHE A 465 11.99 -4.43 -10.58
N ALA A 466 12.35 -3.45 -11.42
CA ALA A 466 11.50 -2.31 -11.76
C ALA A 466 11.39 -2.23 -13.27
N GLY A 467 10.22 -2.07 -13.80
CA GLY A 467 10.02 -2.04 -15.24
C GLY A 467 8.69 -1.58 -15.70
N PHE A 468 8.47 -1.71 -16.99
CA PHE A 468 7.23 -1.26 -17.65
C PHE A 468 7.08 -1.98 -18.97
N ALA A 469 5.86 -1.96 -19.45
CA ALA A 469 5.49 -2.63 -20.70
C ALA A 469 4.20 -2.07 -21.22
N PRO A 470 3.90 -2.26 -22.51
CA PRO A 470 4.86 -2.72 -23.54
C PRO A 470 5.97 -1.68 -23.77
N ALA A 471 7.15 -2.12 -24.22
CA ALA A 471 8.35 -1.27 -24.22
C ALA A 471 8.12 -0.09 -25.16
N THR A 472 7.39 -0.27 -26.27
CA THR A 472 7.41 0.74 -27.37
C THR A 472 6.26 1.75 -27.15
N ASP A 473 5.23 1.37 -26.38
CA ASP A 473 4.05 2.22 -26.04
C ASP A 473 3.55 1.92 -24.61
N PRO A 474 4.29 2.30 -23.55
CA PRO A 474 4.06 1.72 -22.23
C PRO A 474 2.69 2.06 -21.60
N ARG A 475 2.16 1.08 -20.87
CA ARG A 475 0.85 1.19 -20.20
C ARG A 475 0.97 0.96 -18.70
N ILE A 476 1.85 0.06 -18.26
CA ILE A 476 1.91 -0.44 -16.86
C ILE A 476 3.35 -0.36 -16.39
N ALA A 477 3.58 0.11 -15.19
CA ALA A 477 4.85 0.07 -14.48
C ALA A 477 4.70 -0.88 -13.28
N MET A 478 5.76 -1.58 -12.93
CA MET A 478 5.72 -2.58 -11.86
C MET A 478 7.02 -2.58 -11.12
N VAL A 479 6.98 -2.77 -9.82
CA VAL A 479 8.13 -2.97 -8.92
C VAL A 479 7.85 -4.26 -8.17
N VAL A 480 8.83 -5.13 -8.17
CA VAL A 480 8.87 -6.38 -7.39
C VAL A 480 10.00 -6.28 -6.39
N VAL A 481 9.72 -6.55 -5.11
CA VAL A 481 10.69 -6.53 -4.02
C VAL A 481 10.62 -7.89 -3.36
N ILE A 482 11.72 -8.62 -3.28
CA ILE A 482 11.79 -9.88 -2.51
C ILE A 482 12.87 -9.76 -1.45
N ASP A 483 12.52 -9.99 -0.16
CA ASP A 483 13.47 -9.73 0.94
C ASP A 483 14.46 -10.90 0.93
N GLU A 484 15.76 -10.61 1.02
CA GLU A 484 16.94 -11.42 0.55
C GLU A 484 16.53 -12.31 -0.63
N LEU A 494 17.72 -10.93 -10.34
CA LEU A 494 17.71 -12.25 -9.63
C LEU A 494 16.25 -12.77 -9.63
N VAL A 495 15.75 -13.24 -8.48
CA VAL A 495 14.45 -13.95 -8.22
C VAL A 495 13.23 -13.04 -8.49
N SER A 496 13.43 -11.72 -8.53
CA SER A 496 12.34 -10.74 -8.77
C SER A 496 11.95 -10.73 -10.24
N ALA A 497 12.91 -10.95 -11.14
CA ALA A 497 12.63 -10.80 -12.58
C ALA A 497 11.53 -11.76 -13.04
N PRO A 498 11.51 -13.07 -12.67
CA PRO A 498 10.45 -13.96 -13.19
C PRO A 498 9.05 -13.64 -12.64
N VAL A 499 8.99 -12.99 -11.48
CA VAL A 499 7.68 -12.51 -10.93
C VAL A 499 7.18 -11.37 -11.81
N PHE A 500 8.07 -10.43 -12.14
CA PHE A 500 7.72 -9.34 -13.05
C PHE A 500 7.19 -9.94 -14.35
N SER A 501 7.90 -10.92 -14.89
CA SER A 501 7.55 -11.55 -16.17
C SER A 501 6.10 -12.05 -16.10
N LYS A 502 5.78 -12.86 -15.09
CA LYS A 502 4.48 -13.55 -15.05
C LYS A 502 3.35 -12.56 -14.77
N VAL A 503 3.58 -11.64 -13.84
CA VAL A 503 2.52 -10.68 -13.42
C VAL A 503 2.31 -9.64 -14.53
N MET A 504 3.39 -9.18 -15.18
CA MET A 504 3.18 -8.21 -16.29
C MET A 504 2.39 -8.89 -17.43
N ALA A 505 2.74 -10.11 -17.79
CA ALA A 505 2.04 -10.82 -18.88
C ALA A 505 0.54 -10.83 -18.55
N GLY A 506 0.19 -11.32 -17.37
CA GLY A 506 -1.22 -11.40 -17.00
C GLY A 506 -1.89 -10.04 -16.92
N ALA A 507 -1.24 -9.05 -16.33
CA ALA A 507 -1.81 -7.69 -16.21
C ALA A 507 -2.11 -7.09 -17.59
N LEU A 508 -1.16 -7.17 -18.52
CA LEU A 508 -1.39 -6.63 -19.89
C LEU A 508 -2.59 -7.30 -20.57
N ARG A 509 -2.71 -8.63 -20.42
CA ARG A 509 -3.80 -9.38 -21.06
C ARG A 509 -5.15 -9.04 -20.41
N LEU A 510 -5.17 -8.91 -19.08
CA LEU A 510 -6.42 -8.54 -18.37
C LEU A 510 -6.85 -7.14 -18.80
N MET A 511 -5.90 -6.25 -19.14
CA MET A 511 -6.24 -4.88 -19.58
C MET A 511 -6.37 -4.79 -21.10
N ASN A 512 -6.37 -5.94 -21.79
CA ASN A 512 -6.61 -6.05 -23.26
C ASN A 512 -5.60 -5.19 -24.01
N VAL A 513 -4.39 -5.15 -23.49
CA VAL A 513 -3.29 -4.39 -24.17
C VAL A 513 -2.84 -5.22 -25.35
N PRO A 514 -2.80 -4.64 -26.57
CA PRO A 514 -2.44 -5.42 -27.74
C PRO A 514 -1.00 -5.86 -27.59
N PRO A 515 -0.73 -7.19 -27.74
CA PRO A 515 0.63 -7.73 -27.75
C PRO A 515 1.43 -7.01 -28.84
N ASP A 516 2.61 -6.56 -28.47
CA ASP A 516 3.58 -5.88 -29.39
C ASP A 516 4.70 -6.91 -29.67
C1 GOL B . 25.24 -3.22 -25.51
O1 GOL B . 25.47 -1.84 -25.83
C2 GOL B . 24.26 -3.83 -26.50
O2 GOL B . 23.58 -4.93 -25.86
C3 GOL B . 23.23 -2.84 -27.02
O3 GOL B . 22.09 -3.50 -27.61
C1 GOL C . 20.20 12.93 -25.89
O1 GOL C . 21.57 12.79 -26.28
C2 GOL C . 19.40 11.65 -26.11
O2 GOL C . 19.75 11.06 -27.37
C3 GOL C . 17.90 11.85 -26.09
O3 GOL C . 17.52 13.04 -26.75
C1 GOL D . 10.71 16.53 1.74
O1 GOL D . 11.84 16.42 0.87
C2 GOL D . 9.67 15.49 1.38
O2 GOL D . 8.84 15.27 2.53
C3 GOL D . 8.90 15.87 0.14
O3 GOL D . 7.50 15.65 0.25
O4 RZZ E . 27.37 -3.03 -7.35
C5 RZZ E . 26.82 -4.10 -7.27
O3 RZZ E . 27.17 -5.05 -6.40
C4 RZZ E . 25.67 -4.39 -8.14
C3 RZZ E . 25.00 -5.61 -8.03
C2 RZZ E . 23.92 -5.89 -8.85
C6 RZZ E . 25.24 -3.46 -9.08
C7 RZZ E . 24.15 -3.71 -9.91
B RZZ E . 23.25 -2.85 -10.87
C1 RZZ E . 23.49 -4.95 -9.78
C RZZ E . 22.33 -5.10 -10.68
O2 RZZ E . 22.25 -3.89 -11.39
#